data_3L4F
#
_entry.id   3L4F
#
_cell.length_a   47.666
_cell.length_b   47.666
_cell.length_c   263.161
_cell.angle_alpha   90.00
_cell.angle_beta   90.00
_cell.angle_gamma   120.00
#
_symmetry.space_group_name_H-M   'P 32 1 2'
#
loop_
_entity.id
_entity.type
_entity.pdbx_description
1 polymer 'Rho guanine nucleotide exchange factor 7'
2 polymer 'SH3 and multiple ankyrin repeat domains protein 1'
3 water water
#
loop_
_entity_poly.entity_id
_entity_poly.type
_entity_poly.pdbx_seq_one_letter_code
_entity_poly.pdbx_strand_id
1 'polypeptide(L)' MEKSLVDTVYALKDEVQELRQDNKKMKKSLEEEQRARKDLEKLVRKVLKNMNDPAWDETNL A,B,C
2 'polypeptide(L)'
;MGSSHHHHHHSQDPLVPRGSGSDYIIKEKTVLLQKKDSEGFGFVLRGAKAQTPIEEFTPTPAFPALQYLESVDEGGVAWR
AGLRMGDFLIEVNGQNVVKVGHRQVVNMIRQGGNTLMVKVVMVTRHPDMDEA
;
D
#
# COMPACT_ATOMS: atom_id res chain seq x y z
N MET A 1 53.43 16.58 -0.78
CA MET A 1 53.46 15.10 -0.87
C MET A 1 54.57 14.61 -1.80
N GLU A 2 55.26 13.54 -1.41
CA GLU A 2 56.33 12.96 -2.22
C GLU A 2 56.96 11.74 -1.52
N LYS A 3 56.30 11.24 -0.47
CA LYS A 3 56.78 10.07 0.26
C LYS A 3 55.66 9.01 0.27
N SER A 4 56.03 7.74 0.37
CA SER A 4 55.04 6.68 0.37
C SER A 4 53.99 6.78 1.50
N LEU A 5 54.40 7.26 2.67
CA LEU A 5 53.48 7.39 3.80
C LEU A 5 52.58 8.60 3.67
N VAL A 6 53.18 9.79 3.57
CA VAL A 6 52.42 11.03 3.43
C VAL A 6 51.28 10.87 2.42
N ASP A 7 51.52 10.13 1.34
CA ASP A 7 50.47 9.91 0.33
C ASP A 7 49.51 8.78 0.68
N THR A 8 50.02 7.68 1.25
CA THR A 8 49.14 6.58 1.64
C THR A 8 48.07 7.18 2.55
N VAL A 9 48.49 8.12 3.40
CA VAL A 9 47.61 8.78 4.34
C VAL A 9 46.60 9.72 3.67
N TYR A 10 47.06 10.55 2.73
CA TYR A 10 46.10 11.44 2.09
C TYR A 10 45.15 10.70 1.15
N ALA A 11 45.48 9.44 0.86
CA ALA A 11 44.62 8.62 0.03
C ALA A 11 43.49 8.13 0.93
N LEU A 12 43.84 7.36 1.97
CA LEU A 12 42.84 6.87 2.92
C LEU A 12 41.93 8.05 3.36
N LYS A 13 42.53 9.18 3.70
CA LYS A 13 41.73 10.34 4.08
C LYS A 13 40.65 10.44 3.02
N ASP A 14 41.04 10.42 1.75
CA ASP A 14 40.10 10.46 0.64
C ASP A 14 39.15 9.27 0.66
N GLU A 15 39.72 8.07 0.68
CA GLU A 15 38.92 6.85 0.70
C GLU A 15 37.86 6.93 1.81
N VAL A 16 38.27 7.35 3.01
CA VAL A 16 37.35 7.41 4.14
C VAL A 16 36.18 8.35 3.93
N GLN A 17 36.43 9.53 3.36
CA GLN A 17 35.33 10.46 3.11
C GLN A 17 34.33 9.87 2.11
N GLU A 18 34.80 9.00 1.24
CA GLU A 18 33.91 8.36 0.26
C GLU A 18 32.96 7.42 0.98
N LEU A 19 33.54 6.54 1.79
CA LEU A 19 32.77 5.56 2.55
C LEU A 19 31.77 6.23 3.50
N ARG A 20 32.07 7.46 3.90
CA ARG A 20 31.20 8.26 4.75
C ARG A 20 29.94 8.62 3.96
N GLN A 21 30.16 8.99 2.70
CA GLN A 21 29.07 9.36 1.82
C GLN A 21 28.22 8.15 1.46
N ASP A 22 28.87 7.09 0.97
CA ASP A 22 28.16 5.87 0.60
C ASP A 22 27.24 5.50 1.75
N ASN A 23 27.66 5.82 2.98
CA ASN A 23 26.85 5.52 4.15
C ASN A 23 25.62 6.42 4.29
N LYS A 24 25.81 7.73 4.17
CA LYS A 24 24.68 8.65 4.27
C LYS A 24 23.65 8.30 3.21
N LYS A 25 24.11 7.74 2.10
CA LYS A 25 23.21 7.30 1.04
C LYS A 25 22.57 5.98 1.50
N MET A 26 23.40 5.04 1.97
CA MET A 26 22.92 3.75 2.46
C MET A 26 21.84 3.93 3.52
N LYS A 27 22.16 4.69 4.56
CA LYS A 27 21.22 4.96 5.66
C LYS A 27 19.92 5.56 5.18
N LYS A 28 20.00 6.39 4.15
CA LYS A 28 18.83 7.05 3.59
C LYS A 28 17.99 6.05 2.83
N SER A 29 18.64 5.08 2.22
CA SER A 29 17.90 4.07 1.47
C SER A 29 17.10 3.14 2.37
N LEU A 30 17.72 2.59 3.42
CA LEU A 30 16.97 1.72 4.31
C LEU A 30 15.77 2.51 4.85
N GLU A 31 16.03 3.73 5.30
CA GLU A 31 14.94 4.58 5.76
C GLU A 31 13.75 4.53 4.77
N GLU A 32 13.99 4.91 3.51
CA GLU A 32 12.95 4.88 2.50
C GLU A 32 12.37 3.48 2.42
N GLU A 33 13.25 2.50 2.35
CA GLU A 33 12.83 1.11 2.28
C GLU A 33 11.89 0.78 3.44
N GLN A 34 12.22 1.26 4.63
CA GLN A 34 11.38 1.02 5.79
C GLN A 34 10.01 1.70 5.64
N ARG A 35 9.97 3.00 5.29
CA ARG A 35 8.70 3.71 5.13
C ARG A 35 7.85 3.12 4.02
N ALA A 36 8.47 2.35 3.15
CA ALA A 36 7.75 1.75 2.05
C ALA A 36 7.25 0.38 2.48
N ARG A 37 7.98 -0.27 3.38
CA ARG A 37 7.55 -1.59 3.85
C ARG A 37 6.38 -1.43 4.83
N LYS A 38 6.45 -0.39 5.66
CA LYS A 38 5.39 -0.12 6.63
C LYS A 38 4.06 0.33 5.98
N ASP A 39 4.14 0.96 4.82
CA ASP A 39 2.93 1.39 4.12
C ASP A 39 2.26 0.17 3.46
N LEU A 40 3.06 -0.80 3.05
CA LEU A 40 2.50 -2.00 2.44
C LEU A 40 1.81 -2.76 3.56
N GLU A 41 2.30 -2.62 4.80
CA GLU A 41 1.70 -3.30 5.93
C GLU A 41 0.34 -2.71 6.22
N LYS A 42 0.23 -1.39 6.04
CA LYS A 42 -1.03 -0.71 6.23
C LYS A 42 -2.05 -1.17 5.18
N LEU A 43 -1.59 -1.49 3.98
CA LEU A 43 -2.51 -1.98 2.96
C LEU A 43 -2.97 -3.36 3.43
N VAL A 44 -2.01 -4.24 3.67
CA VAL A 44 -2.27 -5.60 4.14
C VAL A 44 -3.21 -5.57 5.34
N ARG A 45 -2.91 -4.67 6.28
CA ARG A 45 -3.68 -4.51 7.50
C ARG A 45 -5.14 -4.13 7.18
N LYS A 46 -5.32 -3.22 6.23
CA LYS A 46 -6.66 -2.79 5.87
C LYS A 46 -7.31 -3.76 4.90
N VAL A 47 -6.52 -4.61 4.27
CA VAL A 47 -7.08 -5.60 3.37
C VAL A 47 -7.70 -6.64 4.29
N LEU A 48 -7.16 -6.73 5.50
CA LEU A 48 -7.64 -7.66 6.51
C LEU A 48 -8.88 -7.16 7.22
N LYS A 49 -8.88 -5.89 7.63
CA LYS A 49 -10.03 -5.31 8.30
C LYS A 49 -11.29 -5.49 7.46
N ASN A 50 -11.11 -5.53 6.14
CA ASN A 50 -12.23 -5.69 5.23
C ASN A 50 -12.58 -7.17 4.97
N MET A 51 -11.61 -8.06 5.17
CA MET A 51 -11.84 -9.49 5.00
C MET A 51 -12.84 -9.85 6.08
N ASN A 52 -12.66 -9.24 7.26
CA ASN A 52 -13.48 -9.48 8.44
C ASN A 52 -14.81 -8.75 8.42
N ASP A 53 -14.79 -7.43 8.62
CA ASP A 53 -15.98 -6.60 8.61
C ASP A 53 -15.94 -5.64 7.41
N PRO A 54 -16.40 -6.10 6.23
CA PRO A 54 -16.50 -5.49 4.90
C PRO A 54 -16.80 -4.00 4.68
N ALA A 55 -17.83 -3.46 5.35
CA ALA A 55 -18.22 -2.07 5.16
C ALA A 55 -19.06 -1.92 3.88
N TRP A 56 -18.90 -2.89 3.00
CA TRP A 56 -19.62 -2.98 1.73
C TRP A 56 -20.74 -3.97 2.03
N ASP A 57 -22.00 -3.57 1.87
CA ASP A 57 -23.06 -4.54 2.11
C ASP A 57 -23.96 -4.77 0.90
N GLU A 58 -24.58 -5.96 0.88
CA GLU A 58 -25.48 -6.36 -0.20
C GLU A 58 -26.86 -6.80 0.30
N THR A 59 -27.91 -6.34 -0.38
CA THR A 59 -29.29 -6.72 -0.02
C THR A 59 -30.18 -6.99 -1.23
N ASN A 60 -30.88 -8.13 -1.21
CA ASN A 60 -31.79 -8.50 -2.29
C ASN A 60 -33.14 -7.83 -2.03
N LEU A 61 -33.63 -7.10 -3.03
CA LEU A 61 -34.88 -6.34 -2.91
C LEU A 61 -35.89 -6.62 -4.00
N MET B 1 55.29 19.34 7.80
CA MET B 1 54.08 18.69 8.42
C MET B 1 54.41 17.30 8.94
N GLU B 2 54.49 17.17 10.26
CA GLU B 2 54.79 15.89 10.90
C GLU B 2 53.76 15.63 11.97
N LYS B 3 53.60 16.60 12.86
CA LYS B 3 52.60 16.51 13.92
C LYS B 3 51.23 16.41 13.25
N SER B 4 51.03 17.26 12.25
CA SER B 4 49.79 17.28 11.49
C SER B 4 49.43 15.90 10.93
N LEU B 5 50.44 15.13 10.51
CA LEU B 5 50.19 13.82 9.94
C LEU B 5 49.70 12.84 10.98
N VAL B 6 50.41 12.80 12.11
CA VAL B 6 50.03 11.91 13.21
C VAL B 6 48.58 12.25 13.49
N ASP B 7 48.34 13.54 13.76
CA ASP B 7 47.00 14.03 14.06
C ASP B 7 45.94 13.38 13.18
N THR B 8 46.15 13.45 11.86
CA THR B 8 45.22 12.90 10.88
C THR B 8 44.98 11.42 11.09
N VAL B 9 46.04 10.63 11.17
CA VAL B 9 45.93 9.18 11.38
C VAL B 9 45.00 8.83 12.55
N TYR B 10 45.25 9.42 13.71
CA TYR B 10 44.42 9.19 14.91
C TYR B 10 42.95 9.51 14.59
N ALA B 11 42.70 10.61 13.90
CA ALA B 11 41.35 11.00 13.55
C ALA B 11 40.71 9.99 12.59
N LEU B 12 41.51 9.40 11.70
CA LEU B 12 40.98 8.38 10.80
C LEU B 12 40.65 7.12 11.60
N LYS B 13 41.44 6.84 12.64
CA LYS B 13 41.17 5.68 13.48
C LYS B 13 39.77 5.89 14.08
N ASP B 14 39.53 7.08 14.58
CA ASP B 14 38.21 7.39 15.13
C ASP B 14 37.21 7.24 14.00
N GLU B 15 37.41 7.99 12.90
CA GLU B 15 36.49 7.92 11.78
C GLU B 15 36.24 6.47 11.30
N VAL B 16 37.30 5.69 11.07
CA VAL B 16 37.15 4.31 10.61
C VAL B 16 36.32 3.48 11.60
N GLN B 17 36.51 3.72 12.89
CA GLN B 17 35.75 3.01 13.93
C GLN B 17 34.25 3.35 13.81
N GLU B 18 33.95 4.64 13.63
CA GLU B 18 32.56 5.10 13.49
C GLU B 18 31.85 4.38 12.33
N LEU B 19 32.60 4.13 11.25
CA LEU B 19 32.06 3.43 10.09
C LEU B 19 31.90 1.96 10.45
N ARG B 20 32.87 1.43 11.19
CA ARG B 20 32.82 0.03 11.55
C ARG B 20 31.50 -0.22 12.27
N GLN B 21 31.18 0.60 13.26
CA GLN B 21 29.94 0.43 14.00
C GLN B 21 28.70 0.76 13.18
N ASP B 22 28.82 1.81 12.37
CA ASP B 22 27.72 2.22 11.52
C ASP B 22 27.33 1.14 10.52
N ASN B 23 28.26 0.24 10.19
CA ASN B 23 27.98 -0.83 9.24
C ASN B 23 27.26 -1.95 9.91
N LYS B 24 27.62 -2.21 11.15
CA LYS B 24 26.97 -3.27 11.93
C LYS B 24 25.51 -2.89 12.17
N LYS B 25 25.29 -1.60 12.39
CA LYS B 25 23.94 -1.13 12.62
C LYS B 25 23.15 -1.44 11.36
N MET B 26 23.54 -0.80 10.26
CA MET B 26 22.87 -1.01 8.98
C MET B 26 22.66 -2.49 8.62
N LYS B 27 23.74 -3.26 8.61
CA LYS B 27 23.62 -4.67 8.27
C LYS B 27 22.50 -5.27 9.13
N LYS B 28 22.27 -4.67 10.29
CA LYS B 28 21.26 -5.14 11.24
C LYS B 28 19.90 -4.55 10.89
N SER B 29 19.89 -3.28 10.53
CA SER B 29 18.64 -2.64 10.18
C SER B 29 18.09 -3.40 8.98
N LEU B 30 18.98 -3.65 8.02
CA LEU B 30 18.67 -4.36 6.79
C LEU B 30 18.12 -5.76 7.08
N GLU B 31 18.56 -6.36 8.18
CA GLU B 31 18.08 -7.67 8.54
C GLU B 31 16.66 -7.63 9.12
N GLU B 32 16.29 -6.50 9.71
CA GLU B 32 14.94 -6.41 10.26
C GLU B 32 14.01 -6.35 9.05
N GLU B 33 14.38 -5.52 8.07
CA GLU B 33 13.58 -5.36 6.85
C GLU B 33 13.35 -6.69 6.18
N GLN B 34 14.42 -7.44 6.01
CA GLN B 34 14.34 -8.79 5.41
C GLN B 34 13.28 -9.63 6.12
N ARG B 35 13.35 -9.74 7.45
CA ARG B 35 12.38 -10.51 8.24
C ARG B 35 10.96 -9.88 8.21
N ALA B 36 10.87 -8.61 8.60
CA ALA B 36 9.59 -7.88 8.61
C ALA B 36 8.74 -8.20 7.38
N ARG B 37 9.39 -8.18 6.21
CA ARG B 37 8.73 -8.45 4.93
C ARG B 37 8.27 -9.89 4.77
N LYS B 38 9.20 -10.81 4.91
CA LYS B 38 8.88 -12.23 4.82
C LYS B 38 7.68 -12.54 5.74
N ASP B 39 7.54 -11.78 6.83
CA ASP B 39 6.40 -11.99 7.71
C ASP B 39 5.14 -11.57 6.96
N LEU B 40 5.14 -10.34 6.44
CA LEU B 40 4.01 -9.83 5.66
C LEU B 40 3.71 -10.89 4.62
N GLU B 41 4.79 -11.38 4.02
CA GLU B 41 4.76 -12.41 3.00
C GLU B 41 3.93 -13.60 3.47
N LYS B 42 4.31 -14.18 4.62
CA LYS B 42 3.60 -15.32 5.17
C LYS B 42 2.14 -15.01 5.46
N LEU B 43 1.89 -13.86 6.07
CA LEU B 43 0.51 -13.47 6.38
C LEU B 43 -0.27 -13.46 5.07
N VAL B 44 0.10 -12.53 4.20
CA VAL B 44 -0.53 -12.38 2.90
C VAL B 44 -0.78 -13.71 2.21
N ARG B 45 0.18 -14.62 2.34
CA ARG B 45 0.04 -15.93 1.73
C ARG B 45 -1.25 -16.56 2.22
N LYS B 46 -1.46 -16.55 3.54
CA LYS B 46 -2.68 -17.11 4.12
C LYS B 46 -3.85 -16.45 3.43
N VAL B 47 -3.92 -15.12 3.56
CA VAL B 47 -4.97 -14.34 2.92
C VAL B 47 -5.16 -14.86 1.49
N LEU B 48 -4.21 -14.54 0.63
CA LEU B 48 -4.22 -14.96 -0.76
C LEU B 48 -4.69 -16.41 -0.94
N LYS B 49 -4.53 -17.24 0.09
CA LYS B 49 -4.94 -18.63 0.01
C LYS B 49 -6.39 -18.81 0.44
N ASN B 50 -7.06 -17.70 0.70
CA ASN B 50 -8.46 -17.72 1.10
C ASN B 50 -9.28 -17.16 -0.05
N MET B 51 -8.67 -16.25 -0.81
CA MET B 51 -9.33 -15.63 -1.96
C MET B 51 -9.71 -16.69 -2.98
N ASN B 52 -8.82 -16.97 -3.95
CA ASN B 52 -9.12 -17.98 -4.96
C ASN B 52 -9.48 -19.24 -4.18
N ASP B 53 -10.74 -19.63 -4.28
CA ASP B 53 -11.27 -20.80 -3.58
C ASP B 53 -11.63 -20.36 -2.17
N PRO B 54 -12.67 -19.50 -2.04
CA PRO B 54 -13.19 -18.93 -0.79
C PRO B 54 -13.31 -19.87 0.40
N ALA B 55 -13.14 -19.30 1.59
CA ALA B 55 -13.22 -20.03 2.85
C ALA B 55 -13.67 -19.06 3.93
N TRP B 56 -14.99 -18.99 4.15
CA TRP B 56 -15.52 -18.08 5.16
C TRP B 56 -16.67 -18.64 5.99
N ASP B 57 -16.35 -19.55 6.90
CA ASP B 57 -17.34 -20.15 7.81
C ASP B 57 -18.36 -21.12 7.22
N GLU B 58 -19.53 -21.17 7.86
CA GLU B 58 -20.67 -22.04 7.51
C GLU B 58 -20.43 -23.05 6.40
N THR B 59 -20.42 -24.33 6.77
CA THR B 59 -20.22 -25.42 5.81
C THR B 59 -19.07 -25.07 4.87
N ASN B 60 -17.88 -24.96 5.44
CA ASN B 60 -16.68 -24.61 4.67
C ASN B 60 -16.15 -25.76 3.81
N LEU B 61 -15.67 -26.82 4.46
CA LEU B 61 -15.13 -27.98 3.74
C LEU B 61 -16.19 -28.72 2.92
N MET C 1 59.32 6.66 6.83
CA MET C 1 58.59 5.50 7.41
C MET C 1 58.59 5.59 8.93
N GLU C 2 58.98 6.75 9.44
CA GLU C 2 59.01 6.98 10.88
C GLU C 2 57.81 7.83 11.28
N LYS C 3 57.43 8.77 10.41
CA LYS C 3 56.30 9.64 10.66
C LYS C 3 55.01 8.83 10.84
N SER C 4 54.02 9.43 11.49
CA SER C 4 52.73 8.80 11.78
C SER C 4 53.01 7.61 12.72
N LEU C 5 52.14 6.61 12.69
CA LEU C 5 52.33 5.41 13.52
C LEU C 5 52.74 4.28 12.57
N VAL C 6 52.64 4.61 11.28
CA VAL C 6 53.02 3.76 10.16
C VAL C 6 52.25 2.46 9.94
N ASP C 7 52.29 1.56 10.91
CA ASP C 7 51.58 0.30 10.74
C ASP C 7 50.10 0.51 10.82
N THR C 8 49.70 1.44 11.67
CA THR C 8 48.29 1.72 11.81
C THR C 8 47.74 2.19 10.46
N VAL C 9 48.53 2.96 9.71
CA VAL C 9 48.08 3.44 8.40
C VAL C 9 47.71 2.31 7.46
N TYR C 10 48.58 1.32 7.32
CA TYR C 10 48.29 0.20 6.44
C TYR C 10 47.19 -0.69 7.01
N ALA C 11 47.20 -0.89 8.33
CA ALA C 11 46.13 -1.66 8.96
C ALA C 11 44.81 -0.97 8.62
N LEU C 12 44.78 0.36 8.69
CA LEU C 12 43.57 1.14 8.39
C LEU C 12 43.22 1.04 6.92
N LYS C 13 44.23 1.16 6.07
CA LYS C 13 44.04 1.04 4.64
C LYS C 13 43.30 -0.28 4.43
N ASP C 14 43.70 -1.27 5.23
CA ASP C 14 43.15 -2.62 5.20
C ASP C 14 41.69 -2.70 5.57
N GLU C 15 41.31 -2.17 6.72
CA GLU C 15 39.90 -2.25 7.10
C GLU C 15 39.01 -1.47 6.13
N VAL C 16 39.30 -0.19 5.90
CA VAL C 16 38.51 0.61 4.97
C VAL C 16 38.31 -0.22 3.69
N GLN C 17 39.32 -0.99 3.34
CA GLN C 17 39.26 -1.86 2.17
C GLN C 17 38.08 -2.83 2.41
N GLU C 18 38.11 -3.50 3.56
CA GLU C 18 37.06 -4.44 3.94
C GLU C 18 35.70 -3.73 4.01
N LEU C 19 35.70 -2.55 4.62
CA LEU C 19 34.50 -1.75 4.76
C LEU C 19 33.82 -1.51 3.44
N ARG C 20 34.58 -1.09 2.45
CA ARG C 20 34.01 -0.80 1.14
C ARG C 20 33.42 -2.06 0.52
N GLN C 21 34.12 -3.17 0.64
CA GLN C 21 33.64 -4.42 0.07
C GLN C 21 32.24 -4.70 0.61
N ASP C 22 32.05 -4.42 1.89
CA ASP C 22 30.76 -4.63 2.56
C ASP C 22 29.63 -3.78 1.99
N ASN C 23 29.84 -2.48 1.89
CA ASN C 23 28.84 -1.57 1.35
C ASN C 23 28.31 -2.13 0.04
N LYS C 24 29.18 -2.81 -0.70
CA LYS C 24 28.77 -3.40 -1.97
C LYS C 24 27.78 -4.55 -1.78
N LYS C 25 28.06 -5.43 -0.81
CA LYS C 25 27.20 -6.58 -0.54
C LYS C 25 25.85 -6.14 0.04
N MET C 26 25.90 -5.10 0.87
CA MET C 26 24.70 -4.55 1.50
C MET C 26 23.88 -3.80 0.47
N LYS C 27 24.57 -3.02 -0.36
CA LYS C 27 23.91 -2.24 -1.40
C LYS C 27 23.28 -3.22 -2.36
N LYS C 28 23.90 -4.39 -2.45
CA LYS C 28 23.44 -5.45 -3.33
C LYS C 28 22.15 -5.98 -2.73
N SER C 29 22.24 -6.37 -1.45
CA SER C 29 21.11 -6.91 -0.71
C SER C 29 19.96 -5.93 -0.64
N LEU C 30 20.22 -4.72 -0.19
CA LEU C 30 19.19 -3.68 -0.11
C LEU C 30 18.32 -3.72 -1.38
N GLU C 31 18.99 -3.70 -2.53
CA GLU C 31 18.30 -3.71 -3.83
C GLU C 31 17.52 -4.99 -4.07
N GLU C 32 18.03 -6.10 -3.56
CA GLU C 32 17.37 -7.38 -3.70
C GLU C 32 16.10 -7.41 -2.85
N GLU C 33 16.16 -6.77 -1.69
CA GLU C 33 15.02 -6.68 -0.77
C GLU C 33 13.94 -5.87 -1.45
N GLN C 34 14.34 -4.70 -1.96
CA GLN C 34 13.46 -3.78 -2.66
C GLN C 34 12.69 -4.43 -3.81
N ARG C 35 13.25 -5.48 -4.37
CA ARG C 35 12.55 -6.17 -5.46
C ARG C 35 11.54 -7.12 -4.86
N ALA C 36 11.92 -7.78 -3.77
CA ALA C 36 11.04 -8.71 -3.10
C ALA C 36 9.89 -7.92 -2.46
N ARG C 37 10.20 -6.81 -1.84
CA ARG C 37 9.17 -5.97 -1.24
C ARG C 37 8.11 -5.67 -2.30
N LYS C 38 8.53 -5.02 -3.38
CA LYS C 38 7.62 -4.66 -4.46
C LYS C 38 6.90 -5.88 -5.06
N ASP C 39 7.62 -6.99 -5.20
CA ASP C 39 6.99 -8.19 -5.75
C ASP C 39 5.82 -8.50 -4.84
N LEU C 40 6.05 -8.42 -3.53
CA LEU C 40 4.99 -8.68 -2.57
C LEU C 40 3.97 -7.55 -2.65
N GLU C 41 4.45 -6.31 -2.72
CA GLU C 41 3.54 -5.19 -2.78
C GLU C 41 2.60 -5.23 -3.98
N LYS C 42 2.95 -6.01 -5.00
CA LYS C 42 2.08 -6.15 -6.16
C LYS C 42 1.09 -7.22 -5.78
N LEU C 43 1.63 -8.39 -5.42
CA LEU C 43 0.85 -9.55 -5.02
C LEU C 43 -0.30 -9.18 -4.08
N VAL C 44 -0.17 -8.06 -3.39
CA VAL C 44 -1.17 -7.61 -2.44
C VAL C 44 -2.27 -6.76 -3.05
N ARG C 45 -1.93 -5.89 -3.98
CA ARG C 45 -2.95 -5.08 -4.60
C ARG C 45 -3.94 -5.95 -5.36
N LYS C 46 -3.55 -7.19 -5.61
CA LYS C 46 -4.44 -8.15 -6.28
C LYS C 46 -5.59 -8.30 -5.29
N VAL C 47 -5.26 -8.91 -4.15
CA VAL C 47 -6.22 -9.12 -3.07
C VAL C 47 -6.39 -7.80 -2.33
N LEU C 48 -6.56 -6.72 -3.09
CA LEU C 48 -6.75 -5.40 -2.50
C LEU C 48 -7.84 -4.67 -3.25
N LYS C 49 -7.72 -4.60 -4.57
CA LYS C 49 -8.69 -3.93 -5.40
C LYS C 49 -9.74 -4.93 -5.86
N ASN C 50 -9.33 -6.19 -5.94
CA ASN C 50 -10.24 -7.26 -6.34
C ASN C 50 -11.15 -7.62 -5.18
N MET C 51 -10.73 -8.55 -4.33
CA MET C 51 -11.54 -8.96 -3.20
C MET C 51 -13.00 -9.17 -3.60
N ASN C 52 -13.77 -8.09 -3.59
CA ASN C 52 -15.18 -8.10 -3.96
C ASN C 52 -15.50 -6.71 -4.53
N ASP C 53 -14.96 -6.47 -5.70
CA ASP C 53 -15.20 -5.24 -6.44
C ASP C 53 -14.78 -5.41 -7.88
N GLY D 19 -12.05 8.11 -31.99
CA GLY D 19 -11.67 9.20 -31.06
C GLY D 19 -11.85 8.80 -29.61
N SER D 20 -10.76 8.35 -28.99
CA SER D 20 -10.82 7.92 -27.59
C SER D 20 -10.27 9.00 -26.65
N GLY D 21 -11.13 9.93 -26.24
CA GLY D 21 -10.71 10.97 -25.32
C GLY D 21 -11.14 10.61 -23.91
N SER D 22 -12.44 10.78 -23.64
CA SER D 22 -13.05 10.47 -22.35
C SER D 22 -14.40 11.16 -22.26
N ASP D 23 -15.47 10.37 -22.32
CA ASP D 23 -16.81 10.92 -22.26
C ASP D 23 -17.69 10.16 -21.29
N TYR D 24 -18.75 10.81 -20.82
CA TYR D 24 -19.70 10.19 -19.91
C TYR D 24 -21.08 10.53 -20.43
N ILE D 25 -22.10 9.80 -19.99
CA ILE D 25 -23.45 10.07 -20.45
C ILE D 25 -24.34 10.27 -19.23
N ILE D 26 -23.71 10.75 -18.16
CA ILE D 26 -24.36 11.03 -16.88
C ILE D 26 -25.83 11.40 -17.02
N LYS D 27 -26.68 10.39 -17.05
CA LYS D 27 -28.12 10.59 -17.16
C LYS D 27 -28.64 10.92 -15.77
N GLU D 28 -29.91 10.63 -15.51
CA GLU D 28 -30.52 10.86 -14.21
C GLU D 28 -32.02 10.54 -14.26
N LYS D 29 -32.34 9.34 -14.74
CA LYS D 29 -33.73 8.93 -14.84
C LYS D 29 -34.37 8.61 -13.51
N THR D 30 -35.66 8.88 -13.42
CA THR D 30 -36.45 8.62 -12.23
C THR D 30 -37.52 7.65 -12.68
N VAL D 31 -37.76 6.60 -11.91
CA VAL D 31 -38.77 5.61 -12.28
C VAL D 31 -39.73 5.35 -11.14
N LEU D 32 -40.83 4.68 -11.45
CA LEU D 32 -41.86 4.33 -10.48
C LEU D 32 -41.98 2.82 -10.44
N LEU D 33 -41.91 2.24 -9.24
CA LEU D 33 -41.99 0.78 -9.14
C LEU D 33 -43.00 0.27 -8.13
N GLN D 34 -43.60 -0.86 -8.48
CA GLN D 34 -44.56 -1.54 -7.62
C GLN D 34 -44.51 -3.03 -7.95
N LYS D 35 -44.90 -3.86 -6.99
CA LYS D 35 -44.87 -5.30 -7.20
C LYS D 35 -45.74 -6.04 -6.18
N LYS D 36 -46.24 -7.20 -6.58
CA LYS D 36 -47.08 -8.01 -5.71
C LYS D 36 -46.25 -8.66 -4.61
N ASP D 37 -46.85 -8.86 -3.44
CA ASP D 37 -46.16 -9.49 -2.31
C ASP D 37 -45.57 -10.80 -2.80
N SER D 38 -46.06 -11.24 -3.95
CA SER D 38 -45.62 -12.48 -4.59
C SER D 38 -44.39 -12.25 -5.46
N GLU D 39 -43.61 -11.22 -5.14
CA GLU D 39 -42.40 -10.91 -5.90
C GLU D 39 -41.61 -9.76 -5.26
N GLY D 40 -40.54 -9.37 -5.94
CA GLY D 40 -39.69 -8.28 -5.47
C GLY D 40 -39.31 -7.37 -6.61
N PHE D 41 -38.82 -6.17 -6.31
CA PHE D 41 -38.45 -5.24 -7.35
C PHE D 41 -37.43 -5.81 -8.33
N GLY D 42 -36.77 -6.90 -7.94
CA GLY D 42 -35.79 -7.55 -8.80
C GLY D 42 -34.44 -6.88 -9.01
N PHE D 43 -33.71 -6.65 -7.93
CA PHE D 43 -32.37 -6.05 -7.99
C PHE D 43 -31.55 -6.20 -6.69
N VAL D 44 -30.23 -6.20 -6.85
CA VAL D 44 -29.33 -6.32 -5.73
C VAL D 44 -28.70 -4.97 -5.45
N LEU D 45 -28.98 -4.46 -4.26
CA LEU D 45 -28.45 -3.18 -3.85
C LEU D 45 -27.12 -3.37 -3.14
N ARG D 46 -26.11 -2.63 -3.58
CA ARG D 46 -24.81 -2.72 -2.95
C ARG D 46 -24.19 -1.35 -2.67
N GLY D 47 -23.49 -1.26 -1.54
CA GLY D 47 -22.83 -0.03 -1.16
C GLY D 47 -22.43 0.02 0.31
N ALA D 48 -21.67 1.06 0.65
CA ALA D 48 -21.17 1.26 2.00
C ALA D 48 -22.23 1.53 3.06
N LYS D 49 -22.02 0.94 4.24
CA LYS D 49 -22.90 1.14 5.39
C LYS D 49 -22.53 2.55 5.88
N ALA D 50 -23.11 2.99 6.98
CA ALA D 50 -22.78 4.33 7.51
C ALA D 50 -23.34 4.60 8.91
N GLN D 51 -23.99 5.75 9.04
CA GLN D 51 -24.58 6.21 10.31
C GLN D 51 -23.50 6.87 11.16
N THR D 52 -22.33 6.23 11.21
CA THR D 52 -21.17 6.75 11.96
C THR D 52 -19.95 6.43 11.10
N PRO D 53 -19.90 6.97 9.87
CA PRO D 53 -18.79 6.74 8.95
C PRO D 53 -17.48 7.48 9.22
N ILE D 54 -16.42 6.93 8.63
CA ILE D 54 -15.08 7.48 8.69
C ILE D 54 -14.68 7.50 7.22
N GLU D 55 -15.62 7.04 6.39
CA GLU D 55 -15.45 6.97 4.95
C GLU D 55 -15.34 8.34 4.32
N GLU D 56 -15.12 8.36 3.01
CA GLU D 56 -14.99 9.60 2.26
C GLU D 56 -16.33 10.03 1.70
N PHE D 57 -16.61 11.33 1.76
CA PHE D 57 -17.87 11.87 1.25
C PHE D 57 -17.61 12.90 0.17
N THR D 58 -17.18 12.42 -0.99
CA THR D 58 -16.90 13.27 -2.14
C THR D 58 -17.77 12.86 -3.34
N PRO D 59 -18.98 13.43 -3.45
CA PRO D 59 -19.92 13.13 -4.53
C PRO D 59 -19.42 13.57 -5.89
N THR D 60 -18.13 13.39 -6.12
CA THR D 60 -17.49 13.75 -7.38
C THR D 60 -18.13 12.97 -8.53
N PRO D 61 -18.00 13.49 -9.77
CA PRO D 61 -18.56 12.82 -10.96
C PRO D 61 -17.94 11.45 -11.22
N ALA D 62 -17.53 10.76 -10.16
CA ALA D 62 -16.92 9.43 -10.26
C ALA D 62 -17.78 8.37 -9.59
N PHE D 63 -18.04 8.54 -8.29
CA PHE D 63 -18.86 7.60 -7.55
C PHE D 63 -20.05 8.36 -6.97
N PRO D 64 -21.06 8.61 -7.81
CA PRO D 64 -22.32 9.32 -7.53
C PRO D 64 -22.90 9.15 -6.13
N ALA D 65 -23.08 7.91 -5.68
CA ALA D 65 -23.62 7.64 -4.35
C ALA D 65 -23.06 6.38 -3.72
N LEU D 66 -23.16 6.30 -2.40
CA LEU D 66 -22.66 5.16 -1.65
C LEU D 66 -23.24 3.84 -2.18
N GLN D 67 -24.53 3.85 -2.47
CA GLN D 67 -25.21 2.66 -2.97
C GLN D 67 -25.26 2.65 -4.51
N TYR D 68 -25.62 1.48 -5.06
CA TYR D 68 -25.72 1.31 -6.50
C TYR D 68 -26.35 -0.05 -6.77
N LEU D 69 -26.92 -0.21 -7.96
CA LEU D 69 -27.51 -1.50 -8.32
C LEU D 69 -26.39 -2.40 -8.83
N GLU D 70 -25.97 -3.36 -8.00
CA GLU D 70 -24.91 -4.28 -8.42
C GLU D 70 -25.52 -5.26 -9.40
N SER D 71 -26.80 -5.55 -9.23
CA SER D 71 -27.48 -6.47 -10.11
C SER D 71 -28.95 -6.12 -10.19
N VAL D 72 -29.53 -6.38 -11.36
CA VAL D 72 -30.94 -6.13 -11.65
C VAL D 72 -31.42 -7.37 -12.41
N ASP D 73 -32.43 -8.05 -11.87
CA ASP D 73 -32.97 -9.25 -12.49
C ASP D 73 -33.65 -8.94 -13.80
N GLU D 74 -33.15 -9.57 -14.87
CA GLU D 74 -33.70 -9.39 -16.19
C GLU D 74 -35.14 -9.93 -16.23
N GLY D 75 -36.09 -9.05 -16.52
CA GLY D 75 -37.48 -9.47 -16.58
C GLY D 75 -38.30 -9.07 -15.37
N GLY D 76 -37.61 -8.69 -14.29
CA GLY D 76 -38.30 -8.29 -13.08
C GLY D 76 -38.64 -6.81 -13.11
N VAL D 77 -39.39 -6.36 -12.10
CA VAL D 77 -39.82 -4.97 -11.98
C VAL D 77 -38.76 -3.92 -12.38
N ALA D 78 -37.73 -3.78 -11.55
CA ALA D 78 -36.67 -2.82 -11.79
C ALA D 78 -36.15 -2.74 -13.24
N TRP D 79 -36.15 -3.87 -13.94
CA TRP D 79 -35.69 -3.92 -15.32
C TRP D 79 -36.77 -3.35 -16.24
N ARG D 80 -38.02 -3.66 -15.88
CA ARG D 80 -39.20 -3.20 -16.62
C ARG D 80 -39.47 -1.71 -16.39
N ALA D 81 -38.45 -1.00 -15.90
CA ALA D 81 -38.55 0.42 -15.65
C ALA D 81 -37.19 1.03 -15.98
N GLY D 82 -36.49 0.42 -16.93
CA GLY D 82 -35.20 0.94 -17.35
C GLY D 82 -34.03 0.65 -16.43
N LEU D 83 -34.27 0.61 -15.12
CA LEU D 83 -33.20 0.34 -14.15
C LEU D 83 -32.27 -0.77 -14.65
N ARG D 84 -30.97 -0.55 -14.54
CA ARG D 84 -29.99 -1.54 -15.00
C ARG D 84 -28.78 -1.61 -14.06
N MET D 85 -27.87 -2.54 -14.34
CA MET D 85 -26.68 -2.69 -13.50
C MET D 85 -25.79 -1.48 -13.58
N GLY D 86 -25.28 -1.05 -12.42
CA GLY D 86 -24.40 0.10 -12.39
C GLY D 86 -25.08 1.39 -12.00
N ASP D 87 -26.38 1.46 -12.27
CA ASP D 87 -27.17 2.65 -11.96
C ASP D 87 -27.06 2.97 -10.47
N PHE D 88 -26.46 4.13 -10.16
CA PHE D 88 -26.30 4.57 -8.77
C PHE D 88 -27.60 5.15 -8.19
N LEU D 89 -27.87 4.77 -6.94
CA LEU D 89 -29.10 5.19 -6.25
C LEU D 89 -29.00 6.59 -5.64
N ILE D 90 -29.71 7.54 -6.25
CA ILE D 90 -29.70 8.92 -5.80
C ILE D 90 -30.79 9.29 -4.80
N GLU D 91 -32.00 8.78 -5.00
CA GLU D 91 -33.10 9.09 -4.07
C GLU D 91 -34.18 8.01 -3.99
N VAL D 92 -34.53 7.65 -2.76
CA VAL D 92 -35.54 6.64 -2.49
C VAL D 92 -36.82 7.31 -2.01
N ASN D 93 -37.72 7.55 -2.96
CA ASN D 93 -39.00 8.20 -2.69
C ASN D 93 -38.77 9.69 -2.51
N GLY D 94 -38.27 10.06 -1.33
CA GLY D 94 -38.01 11.46 -1.08
C GLY D 94 -36.60 11.69 -0.62
N GLN D 95 -36.33 11.32 0.64
CA GLN D 95 -35.03 11.49 1.25
C GLN D 95 -33.90 11.23 0.26
N ASN D 96 -32.97 12.18 0.19
CA ASN D 96 -31.83 12.02 -0.72
C ASN D 96 -30.90 11.01 -0.06
N VAL D 97 -30.70 9.88 -0.74
CA VAL D 97 -29.88 8.79 -0.23
C VAL D 97 -28.44 8.71 -0.77
N VAL D 98 -28.01 9.72 -1.53
CA VAL D 98 -26.67 9.71 -2.09
C VAL D 98 -25.58 9.47 -1.05
N LYS D 99 -25.69 10.10 0.11
CA LYS D 99 -24.69 9.89 1.14
C LYS D 99 -25.26 9.22 2.37
N VAL D 100 -26.22 8.32 2.16
CA VAL D 100 -26.84 7.60 3.26
C VAL D 100 -26.31 6.16 3.27
N GLY D 101 -26.19 5.60 4.46
CA GLY D 101 -25.67 4.24 4.59
C GLY D 101 -26.54 3.17 3.96
N HIS D 102 -25.92 2.05 3.61
CA HIS D 102 -26.64 0.94 3.00
C HIS D 102 -27.83 0.52 3.84
N ARG D 103 -27.51 -0.03 5.02
CA ARG D 103 -28.53 -0.51 5.95
C ARG D 103 -29.61 0.54 6.26
N GLN D 104 -29.38 1.76 5.80
CA GLN D 104 -30.34 2.85 6.01
C GLN D 104 -31.20 3.02 4.77
N VAL D 105 -30.55 3.16 3.62
CA VAL D 105 -31.22 3.29 2.32
C VAL D 105 -32.14 2.07 2.14
N VAL D 106 -31.69 0.92 2.66
CA VAL D 106 -32.49 -0.29 2.58
C VAL D 106 -33.78 -0.08 3.36
N ASN D 107 -33.66 0.01 4.69
CA ASN D 107 -34.80 0.23 5.57
C ASN D 107 -35.82 1.12 4.88
N MET D 108 -35.34 2.20 4.26
CA MET D 108 -36.23 3.10 3.55
C MET D 108 -36.98 2.28 2.50
N ILE D 109 -36.26 1.90 1.44
CA ILE D 109 -36.82 1.12 0.33
C ILE D 109 -37.99 0.23 0.73
N ARG D 110 -37.87 -0.42 1.87
CA ARG D 110 -38.90 -1.31 2.38
C ARG D 110 -40.16 -0.58 2.79
N GLN D 111 -39.99 0.49 3.56
CA GLN D 111 -41.11 1.29 4.05
C GLN D 111 -42.22 1.35 3.03
N GLY D 112 -41.87 1.72 1.79
CA GLY D 112 -42.84 1.81 0.73
C GLY D 112 -43.35 0.45 0.28
N GLY D 113 -43.54 -0.46 1.24
CA GLY D 113 -44.02 -1.79 0.93
C GLY D 113 -43.78 -2.28 -0.48
N ASN D 114 -44.87 -2.46 -1.23
CA ASN D 114 -44.81 -2.95 -2.60
C ASN D 114 -44.72 -1.84 -3.64
N THR D 115 -44.44 -0.63 -3.19
CA THR D 115 -44.34 0.54 -4.06
C THR D 115 -42.98 1.20 -3.81
N LEU D 116 -42.33 1.69 -4.87
CA LEU D 116 -41.03 2.34 -4.69
C LEU D 116 -40.72 3.35 -5.77
N MET D 117 -40.58 4.61 -5.35
CA MET D 117 -40.25 5.70 -6.26
C MET D 117 -38.76 5.93 -6.10
N VAL D 118 -38.02 5.87 -7.20
CA VAL D 118 -36.57 6.04 -7.11
C VAL D 118 -35.99 6.81 -8.28
N LYS D 119 -34.90 7.52 -8.02
CA LYS D 119 -34.20 8.29 -9.04
C LYS D 119 -32.73 7.88 -9.02
N VAL D 120 -32.24 7.41 -10.16
CA VAL D 120 -30.86 6.94 -10.28
C VAL D 120 -30.20 7.53 -11.51
N VAL D 121 -28.95 7.16 -11.77
CA VAL D 121 -28.24 7.69 -12.93
C VAL D 121 -27.33 6.70 -13.63
N MET D 122 -27.47 6.63 -14.95
CA MET D 122 -26.66 5.74 -15.78
C MET D 122 -25.32 6.43 -16.07
N VAL D 123 -24.31 5.63 -16.43
CA VAL D 123 -22.99 6.16 -16.75
C VAL D 123 -22.28 5.26 -17.76
N THR D 124 -22.17 5.75 -18.99
CA THR D 124 -21.55 5.01 -20.08
C THR D 124 -20.08 5.38 -20.26
N ARG D 125 -19.20 4.64 -19.59
CA ARG D 125 -17.76 4.86 -19.66
C ARG D 125 -17.35 6.12 -18.91
#